data_9QAO
#
_entry.id   9QAO
#
_cell.length_a   57.036
_cell.length_b   84.924
_cell.length_c   134.306
_cell.angle_alpha   90
_cell.angle_beta   90
_cell.angle_gamma   90
#
_symmetry.space_group_name_H-M   'P 21 21 21'
#
loop_
_entity.id
_entity.type
_entity.pdbx_description
1 polymer 'Angiotensin-converting enzyme, soluble form'
2 branched alpha-D-mannopyranose-(1-3)-alpha-D-mannopyranose-(1-6)-[alpha-D-mannopyranose-(1-3)]beta-D-mannopyranose-(1-4)-2-acetamido-2-deoxy-beta-D-glucopyranose-(1-4)-[alpha-L-fucopyranose-(1-6)]2-acetamido-2-deoxy-beta-D-glucopyranose
3 non-polymer 'ZINC ION'
4 non-polymer TRANDOLAPRILAT
5 non-polymer 2-acetamido-2-deoxy-beta-D-glucopyranose
6 non-polymer DI(HYDROXYETHYL)ETHER
7 non-polymer IMIDAZOLE
8 non-polymer 'CHLORIDE ION'
9 water water
#
_entity_poly.entity_id   1
_entity_poly.type   'polypeptide(L)'
_entity_poly.pdbx_seq_one_letter_code
;DEAEASKFVEEYDRTSQVVWNEYAGANWNYNTNITTETSKILLQKNMQIAQHTLKYGTQARKFDVNQLQNTTIKRIIKKV
QDLERAALPAQELEEYNKILLDMETTYSVATVCHPQGSCLQLEPDLTNVMATSRKYEDLLWAWEGWRDKAGRAILQFYPK
YVELINQAARLNGYVDAGDSWRSMYETPSLEQDLERLFQELQPLYLNLHAYVRRALHRHYGAQHINLEGPIPAHLLGNMW
AQTWSNIYDLVVPFPSAPSMDTTEAMLKQGWTPRRMFKEADDFFTSLGLLPVPPEFWQKSMLEKPTDGREVVCHASAWDF
YNGKDFRIKQCTTVNLEDLVVAHHEMGHIQYFMQYKDLPVALREGANPGFHEAIGDVLALSVSTPKHLHSLNLLSSEGGS
DEHDINFLMKMALDKIAFIPFSYLVDQWRWRVFDGSITKENYNQEWWSLRLKYQGL(CSO)PPVPRTQGDFDPGAKFHIP
SSVPYIRYFVSFIIQFQFHEALCQAAGHTGPLHKCDIYQSKEAGQRLATAMKLGFSRPWPEAMQLITGQPQMSASAMLSY
FKPLLDWLRTENELHGEKLGWP
;
_entity_poly.pdbx_strand_id   A
#
loop_
_chem_comp.id
_chem_comp.type
_chem_comp.name
_chem_comp.formula
BMA D-saccharide, beta linking beta-D-mannopyranose 'C6 H12 O6'
CL non-polymer 'CHLORIDE ION' 'Cl -1'
FUC L-saccharide, alpha linking alpha-L-fucopyranose 'C6 H12 O5'
IMD non-polymer IMIDAZOLE 'C3 H5 N2 1'
MAN D-saccharide, alpha linking alpha-D-mannopyranose 'C6 H12 O6'
NAG D-saccharide, beta linking 2-acetamido-2-deoxy-beta-D-glucopyranose 'C8 H15 N O6'
PEG non-polymer DI(HYDROXYETHYL)ETHER 'C4 H10 O3'
X93 non-polymer TRANDOLAPRILAT 'C22 H30 N2 O5'
ZN non-polymer 'ZINC ION' 'Zn 2'
#
# COMPACT_ATOMS: atom_id res chain seq x y z
N ASP A 1 -34.48 3.65 23.38
CA ASP A 1 -35.50 3.16 22.40
C ASP A 1 -34.81 2.63 21.14
N GLU A 2 -35.23 1.44 20.71
CA GLU A 2 -34.63 0.77 19.57
C GLU A 2 -34.97 1.55 18.31
N ALA A 3 -36.21 2.10 18.25
CA ALA A 3 -36.72 2.74 17.05
C ALA A 3 -36.04 4.09 16.75
N GLU A 4 -35.65 4.85 17.80
CA GLU A 4 -34.92 6.10 17.64
C GLU A 4 -33.50 5.86 17.14
N ALA A 5 -32.88 4.72 17.47
CA ALA A 5 -31.59 4.33 16.87
C ALA A 5 -31.74 3.91 15.40
N SER A 6 -32.83 3.25 15.01
CA SER A 6 -33.04 2.92 13.61
C SER A 6 -33.16 4.20 12.79
N LYS A 7 -34.05 5.14 13.24
CA LYS A 7 -34.29 6.41 12.56
C LYS A 7 -33.00 7.20 12.35
N PHE A 8 -32.15 7.27 13.37
CA PHE A 8 -30.93 8.05 13.24
C PHE A 8 -29.95 7.44 12.23
N VAL A 9 -29.79 6.12 12.23
CA VAL A 9 -28.84 5.57 11.30
C VAL A 9 -29.47 5.72 9.91
N GLU A 10 -30.78 5.77 9.80
CA GLU A 10 -31.39 5.96 8.49
C GLU A 10 -31.04 7.35 7.95
N GLU A 11 -31.14 8.39 8.81
CA GLU A 11 -30.90 9.76 8.41
C GLU A 11 -29.42 9.99 8.15
N TYR A 12 -28.59 9.45 9.06
CA TYR A 12 -27.15 9.54 8.84
C TYR A 12 -26.81 9.00 7.46
N ASP A 13 -27.36 7.82 7.10
CA ASP A 13 -27.02 7.22 5.81
C ASP A 13 -27.49 8.03 4.60
N ARG A 14 -28.74 8.50 4.60
CA ARG A 14 -29.20 9.36 3.51
C ARG A 14 -28.35 10.61 3.38
N THR A 15 -28.10 11.33 4.48
CA THR A 15 -27.39 12.60 4.38
C THR A 15 -25.89 12.38 4.12
N SER A 16 -25.28 11.25 4.55
CA SER A 16 -23.88 11.01 4.22
C SER A 16 -23.66 10.71 2.73
N GLN A 17 -24.57 10.00 2.08
CA GLN A 17 -24.50 9.80 0.63
C GLN A 17 -24.35 11.14 -0.10
N VAL A 18 -25.27 12.08 0.15
CA VAL A 18 -25.27 13.39 -0.47
C VAL A 18 -23.92 14.03 -0.17
N VAL A 19 -23.65 14.27 1.11
CA VAL A 19 -22.53 15.11 1.49
C VAL A 19 -21.19 14.43 1.12
N TRP A 20 -21.07 13.10 1.31
CA TRP A 20 -19.84 12.40 0.96
C TRP A 20 -19.64 12.39 -0.56
N ASN A 21 -20.73 12.38 -1.35
CA ASN A 21 -20.64 12.38 -2.80
C ASN A 21 -20.10 13.74 -3.24
N GLU A 22 -20.64 14.83 -2.67
CA GLU A 22 -20.23 16.19 -3.05
C GLU A 22 -18.74 16.35 -2.81
N TYR A 23 -18.23 15.74 -1.75
CA TYR A 23 -16.87 16.01 -1.37
C TYR A 23 -15.93 15.20 -2.23
N ALA A 24 -16.30 13.95 -2.50
CA ALA A 24 -15.42 13.13 -3.32
C ALA A 24 -15.37 13.73 -4.71
N GLY A 25 -16.53 14.24 -5.17
CA GLY A 25 -16.64 14.94 -6.44
C GLY A 25 -15.59 16.04 -6.54
N ALA A 26 -15.40 16.76 -5.44
CA ALA A 26 -14.66 18.00 -5.48
C ALA A 26 -13.20 17.65 -5.27
N ASN A 27 -12.91 16.73 -4.39
CA ASN A 27 -11.54 16.22 -4.23
C ASN A 27 -11.01 15.57 -5.53
N TRP A 28 -11.88 14.97 -6.37
CA TRP A 28 -11.51 14.48 -7.70
C TRP A 28 -11.22 15.63 -8.65
N ASN A 29 -12.14 16.61 -8.68
CA ASN A 29 -12.02 17.76 -9.58
C ASN A 29 -10.71 18.47 -9.30
N TYR A 30 -10.32 18.54 -8.02
CA TYR A 30 -9.01 19.03 -7.65
C TYR A 30 -7.95 18.08 -8.18
N ASN A 31 -8.10 16.78 -7.90
CA ASN A 31 -6.98 15.88 -8.01
C ASN A 31 -6.68 15.65 -9.49
N THR A 32 -7.59 15.99 -10.40
CA THR A 32 -7.38 15.81 -11.83
C THR A 32 -7.41 17.13 -12.58
N ASN A 33 -7.36 18.27 -11.87
CA ASN A 33 -7.38 19.61 -12.44
C ASN A 33 -6.91 20.57 -11.35
N ILE A 34 -5.74 20.32 -10.75
CA ILE A 34 -5.21 21.24 -9.74
C ILE A 34 -5.26 22.67 -10.31
N THR A 35 -6.10 23.54 -9.71
CA THR A 35 -6.26 24.97 -10.02
C THR A 35 -6.21 25.66 -8.65
N THR A 36 -6.37 26.99 -8.54
CA THR A 36 -6.80 27.59 -7.26
C THR A 36 -8.33 27.48 -7.13
N GLU A 37 -9.07 27.66 -8.24
CA GLU A 37 -10.52 27.45 -8.27
C GLU A 37 -10.91 26.06 -7.73
N THR A 38 -10.19 24.99 -8.08
CA THR A 38 -10.57 23.68 -7.55
C THR A 38 -10.08 23.54 -6.11
N SER A 39 -9.04 24.28 -5.71
CA SER A 39 -8.71 24.41 -4.29
C SER A 39 -9.77 25.18 -3.49
N LYS A 40 -10.44 26.19 -4.03
CA LYS A 40 -11.49 26.87 -3.27
C LYS A 40 -12.66 25.93 -3.01
N ILE A 41 -13.15 25.25 -4.06
CA ILE A 41 -14.27 24.33 -3.92
C ILE A 41 -13.91 23.19 -2.96
N LEU A 42 -12.67 22.64 -3.04
CA LEU A 42 -12.25 21.57 -2.13
C LEU A 42 -12.33 22.03 -0.68
N LEU A 43 -11.75 23.20 -0.41
CA LEU A 43 -11.78 23.78 0.92
C LEU A 43 -13.23 24.02 1.41
N GLN A 44 -14.18 24.42 0.56
CA GLN A 44 -15.55 24.63 1.01
C GLN A 44 -16.22 23.29 1.39
N LYS A 45 -16.00 22.25 0.57
CA LYS A 45 -16.54 20.92 0.85
C LYS A 45 -15.94 20.31 2.13
N ASN A 46 -14.72 20.71 2.52
CA ASN A 46 -14.10 20.23 3.75
C ASN A 46 -14.94 20.62 4.93
N MET A 47 -15.21 21.91 5.01
CA MET A 47 -16.04 22.50 6.04
C MET A 47 -17.36 21.76 6.10
N GLN A 48 -18.00 21.61 4.94
CA GLN A 48 -19.35 21.06 4.89
C GLN A 48 -19.34 19.65 5.49
N ILE A 49 -18.30 18.83 5.22
CA ILE A 49 -18.26 17.46 5.72
C ILE A 49 -17.86 17.42 7.21
N ALA A 50 -16.94 18.29 7.64
CA ALA A 50 -16.70 18.52 9.07
C ALA A 50 -18.01 18.86 9.77
N GLN A 51 -18.86 19.67 9.16
CA GLN A 51 -20.01 20.17 9.90
C GLN A 51 -21.05 19.04 9.96
N HIS A 52 -21.04 18.15 8.96
CA HIS A 52 -21.92 16.99 8.96
C HIS A 52 -21.43 15.97 9.99
N THR A 53 -20.13 15.66 9.97
CA THR A 53 -19.52 14.81 10.98
C THR A 53 -19.88 15.30 12.38
N LEU A 54 -19.77 16.60 12.64
CA LEU A 54 -20.00 17.11 13.97
C LEU A 54 -21.45 16.89 14.35
N LYS A 55 -22.38 17.22 13.44
CA LYS A 55 -23.79 17.14 13.78
C LYS A 55 -24.14 15.69 14.12
N TYR A 56 -23.86 14.75 13.19
CA TYR A 56 -24.25 13.35 13.33
C TYR A 56 -23.43 12.71 14.46
N GLY A 57 -22.19 13.13 14.64
CA GLY A 57 -21.34 12.50 15.66
C GLY A 57 -21.79 12.88 17.07
N THR A 58 -22.19 14.15 17.29
CA THR A 58 -22.70 14.63 18.53
C THR A 58 -24.02 13.92 18.88
N GLN A 59 -24.96 13.79 17.93
CA GLN A 59 -26.17 13.00 18.13
C GLN A 59 -25.77 11.54 18.43
N ALA A 60 -24.89 10.90 17.65
CA ALA A 60 -24.56 9.50 17.94
C ALA A 60 -24.02 9.31 19.37
N ARG A 61 -23.36 10.31 19.96
CA ARG A 61 -22.76 10.17 21.28
C ARG A 61 -23.76 10.15 22.47
N LYS A 62 -25.01 10.57 22.22
CA LYS A 62 -26.08 10.64 23.20
C LYS A 62 -26.73 9.29 23.38
N PHE A 63 -26.57 8.38 22.42
CA PHE A 63 -26.98 6.99 22.56
C PHE A 63 -26.07 6.25 23.55
N ASP A 64 -26.70 5.45 24.42
CA ASP A 64 -25.99 4.37 25.09
C ASP A 64 -26.00 3.10 24.24
N VAL A 65 -24.88 2.87 23.60
CA VAL A 65 -24.63 1.64 22.88
C VAL A 65 -24.71 0.39 23.78
N ASN A 66 -24.58 0.53 25.11
CA ASN A 66 -24.73 -0.64 25.99
C ASN A 66 -26.18 -1.17 25.91
N GLN A 67 -27.16 -0.28 25.86
CA GLN A 67 -28.57 -0.61 25.94
C GLN A 67 -29.22 -1.03 24.61
N LEU A 68 -28.44 -1.20 23.52
CA LEU A 68 -28.97 -1.34 22.16
C LEU A 68 -28.86 -2.78 21.70
N GLN A 69 -30.02 -3.33 21.38
CA GLN A 69 -30.17 -4.72 20.99
C GLN A 69 -29.51 -5.05 19.65
N ASN A 70 -29.98 -4.39 18.59
CA ASN A 70 -29.62 -4.74 17.23
C ASN A 70 -28.13 -4.50 17.02
N THR A 71 -27.37 -5.53 16.55
CA THR A 71 -25.92 -5.46 16.49
C THR A 71 -25.49 -4.57 15.30
N THR A 72 -26.33 -4.50 14.27
CA THR A 72 -25.91 -3.68 13.13
C THR A 72 -26.02 -2.19 13.52
N ILE A 73 -27.16 -1.78 14.06
CA ILE A 73 -27.35 -0.40 14.46
C ILE A 73 -26.35 0.00 15.55
N LYS A 74 -25.90 -1.00 16.32
CA LYS A 74 -25.02 -0.74 17.43
C LYS A 74 -23.64 -0.41 16.88
N ARG A 75 -23.19 -1.20 15.92
CA ARG A 75 -21.89 -0.99 15.30
C ARG A 75 -21.80 0.32 14.53
N ILE A 76 -22.87 0.64 13.75
CA ILE A 76 -22.95 1.90 13.01
C ILE A 76 -22.83 3.08 13.97
N ILE A 77 -23.58 3.08 15.04
CA ILE A 77 -23.62 4.26 15.90
C ILE A 77 -22.29 4.41 16.63
N LYS A 78 -21.63 3.31 16.98
CA LYS A 78 -20.35 3.44 17.67
C LYS A 78 -19.30 4.05 16.74
N LYS A 79 -19.28 3.67 15.47
CA LYS A 79 -18.39 4.34 14.54
C LYS A 79 -18.74 5.84 14.36
N VAL A 80 -20.01 6.23 14.17
CA VAL A 80 -20.33 7.63 14.02
C VAL A 80 -19.94 8.51 15.23
N GLN A 81 -19.68 7.95 16.41
CA GLN A 81 -19.32 8.76 17.58
C GLN A 81 -17.86 9.16 17.55
N ASP A 82 -17.15 8.52 16.60
CA ASP A 82 -15.79 8.89 16.23
C ASP A 82 -15.80 9.94 15.13
N LEU A 83 -15.51 11.21 15.48
CA LEU A 83 -15.66 12.33 14.57
C LEU A 83 -14.36 12.52 13.77
N GLU A 84 -13.27 11.82 14.15
CA GLU A 84 -11.95 12.05 13.58
C GLU A 84 -11.56 13.50 13.86
N ARG A 85 -11.02 14.18 12.86
CA ARG A 85 -10.48 15.50 13.03
C ARG A 85 -11.62 16.48 13.30
N ALA A 86 -12.87 16.13 12.94
CA ALA A 86 -14.00 17.04 13.11
C ALA A 86 -14.27 17.29 14.59
N ALA A 87 -13.52 16.54 15.43
CA ALA A 87 -13.61 16.70 16.88
C ALA A 87 -12.90 17.94 17.35
N LEU A 88 -12.02 18.47 16.47
CA LEU A 88 -11.11 19.56 16.83
C LEU A 88 -11.92 20.83 16.88
N PRO A 89 -11.55 21.76 17.77
CA PRO A 89 -12.13 23.10 17.72
C PRO A 89 -11.79 23.81 16.41
N ALA A 90 -12.58 24.83 16.07
CA ALA A 90 -12.53 25.56 14.81
C ALA A 90 -11.08 25.90 14.35
N GLN A 91 -10.34 26.69 15.16
CA GLN A 91 -8.99 27.14 14.89
C GLN A 91 -8.13 25.91 14.55
N GLU A 92 -8.03 24.97 15.49
CA GLU A 92 -7.16 23.83 15.34
C GLU A 92 -7.52 23.00 14.09
N LEU A 93 -8.78 22.95 13.66
CA LEU A 93 -9.11 22.10 12.52
C LEU A 93 -8.66 22.78 11.21
N GLU A 94 -8.92 24.11 11.14
CA GLU A 94 -8.38 24.98 10.10
C GLU A 94 -6.89 24.70 9.92
N GLU A 95 -6.16 24.61 11.02
CA GLU A 95 -4.73 24.50 10.98
C GLU A 95 -4.29 23.07 10.65
N TYR A 96 -5.08 22.10 11.11
CA TYR A 96 -4.84 20.71 10.79
C TYR A 96 -5.00 20.55 9.30
N ASN A 97 -6.04 21.14 8.73
CA ASN A 97 -6.29 20.93 7.30
C ASN A 97 -5.18 21.53 6.45
N LYS A 98 -4.66 22.67 6.88
CA LYS A 98 -3.72 23.43 6.11
C LYS A 98 -2.38 22.71 6.18
N ILE A 99 -2.03 22.14 7.35
CA ILE A 99 -0.78 21.39 7.45
C ILE A 99 -0.77 20.13 6.56
N LEU A 100 -1.86 19.43 6.46
CA LEU A 100 -1.87 18.27 5.61
C LEU A 100 -1.74 18.74 4.17
N LEU A 101 -2.33 19.87 3.83
CA LEU A 101 -2.29 20.32 2.45
C LEU A 101 -0.84 20.72 2.14
N ASP A 102 -0.27 21.50 3.06
CA ASP A 102 1.10 21.93 2.93
C ASP A 102 2.02 20.73 2.83
N MET A 103 1.88 19.74 3.71
CA MET A 103 2.78 18.59 3.66
C MET A 103 2.71 17.97 2.26
N GLU A 104 1.51 17.76 1.75
CA GLU A 104 1.39 16.96 0.54
C GLU A 104 1.89 17.75 -0.67
N THR A 105 1.69 19.05 -0.64
CA THR A 105 2.08 19.88 -1.75
C THR A 105 3.61 19.99 -1.78
N THR A 106 4.24 20.14 -0.62
CA THR A 106 5.69 20.16 -0.53
C THR A 106 6.26 18.86 -1.11
N TYR A 107 5.69 17.72 -0.79
CA TYR A 107 6.19 16.48 -1.35
C TYR A 107 6.02 16.46 -2.87
N SER A 108 5.00 17.13 -3.38
CA SER A 108 4.63 16.89 -4.75
C SER A 108 5.40 17.80 -5.69
N VAL A 109 5.71 19.04 -5.28
CA VAL A 109 6.45 19.93 -6.11
C VAL A 109 7.97 19.83 -5.90
N ALA A 110 8.46 19.04 -4.95
CA ALA A 110 9.90 18.89 -4.72
C ALA A 110 10.59 18.31 -5.95
N THR A 111 11.67 19.01 -6.36
CA THR A 111 12.62 18.55 -7.38
C THR A 111 14.05 18.53 -6.83
N VAL A 112 14.92 17.84 -7.54
CA VAL A 112 16.35 17.82 -7.30
C VAL A 112 17.07 18.31 -8.56
N CYS A 113 17.91 19.31 -8.47
CA CYS A 113 18.52 19.94 -9.64
C CYS A 113 20.02 19.72 -9.68
N HIS A 114 20.57 19.62 -10.90
CA HIS A 114 22.00 19.77 -11.08
C HIS A 114 22.28 21.26 -11.24
N PRO A 115 23.38 21.80 -10.66
CA PRO A 115 23.80 23.14 -11.01
C PRO A 115 23.99 23.28 -12.51
N GLN A 116 23.28 24.26 -13.10
CA GLN A 116 23.53 24.70 -14.47
C GLN A 116 22.72 23.90 -15.49
N GLY A 117 22.06 22.81 -15.05
CA GLY A 117 21.23 21.97 -15.90
C GLY A 117 19.88 21.62 -15.26
N SER A 118 19.48 20.34 -15.39
CA SER A 118 18.06 19.98 -15.30
C SER A 118 17.67 19.59 -13.87
N CYS A 119 16.38 19.81 -13.56
CA CYS A 119 15.77 19.46 -12.30
C CYS A 119 14.86 18.26 -12.50
N LEU A 120 15.11 17.21 -11.71
CA LEU A 120 14.42 15.95 -11.84
C LEU A 120 13.30 15.83 -10.80
N GLN A 121 12.12 15.39 -11.24
CA GLN A 121 11.07 15.05 -10.30
C GLN A 121 11.24 13.60 -9.85
N LEU A 122 10.45 13.25 -8.85
CA LEU A 122 10.41 11.90 -8.33
C LEU A 122 9.90 10.93 -9.37
N GLU A 123 8.77 11.30 -10.00
CA GLU A 123 8.11 10.47 -11.01
C GLU A 123 8.23 11.13 -12.38
N PRO A 124 8.89 10.53 -13.41
CA PRO A 124 9.59 9.26 -13.31
C PRO A 124 11.10 9.36 -13.10
N ASP A 125 11.61 10.59 -13.10
CA ASP A 125 13.01 10.87 -13.40
C ASP A 125 13.93 10.20 -12.41
N LEU A 126 13.70 10.42 -11.11
CA LEU A 126 14.55 9.92 -10.03
C LEU A 126 14.32 8.44 -9.82
N THR A 127 13.08 8.00 -10.07
CA THR A 127 12.66 6.59 -9.96
C THR A 127 13.41 5.74 -11.00
N ASN A 128 13.56 6.32 -12.20
CA ASN A 128 14.32 5.70 -13.27
C ASN A 128 15.81 5.62 -12.90
N VAL A 129 16.33 6.68 -12.27
CA VAL A 129 17.73 6.66 -11.88
C VAL A 129 18.00 5.48 -10.93
N MET A 130 17.18 5.37 -9.89
CA MET A 130 17.26 4.33 -8.89
C MET A 130 17.06 2.94 -9.48
N ALA A 131 16.13 2.82 -10.48
CA ALA A 131 15.91 1.56 -11.21
C ALA A 131 17.06 1.13 -12.14
N THR A 132 17.67 2.04 -12.94
CA THR A 132 18.60 1.60 -13.96
C THR A 132 20.06 1.99 -13.69
N SER A 133 20.38 3.00 -12.87
CA SER A 133 21.80 3.28 -12.66
C SER A 133 22.44 2.17 -11.85
N ARG A 134 23.70 1.86 -12.25
CA ARG A 134 24.59 0.91 -11.63
C ARG A 134 25.88 1.60 -11.19
N LYS A 135 25.83 2.92 -11.02
CA LYS A 135 26.95 3.70 -10.51
C LYS A 135 26.62 4.24 -9.14
N TYR A 136 27.46 3.85 -8.17
CA TYR A 136 27.33 4.16 -6.75
C TYR A 136 26.92 5.61 -6.56
N GLU A 137 27.66 6.48 -7.21
CA GLU A 137 27.62 7.91 -7.00
C GLU A 137 26.38 8.52 -7.60
N ASP A 138 25.92 7.99 -8.74
CA ASP A 138 24.72 8.52 -9.38
C ASP A 138 23.48 8.07 -8.59
N LEU A 139 23.46 6.81 -8.12
CA LEU A 139 22.44 6.39 -7.20
C LEU A 139 22.49 7.29 -5.96
N LEU A 140 23.68 7.68 -5.51
CA LEU A 140 23.75 8.41 -4.26
C LEU A 140 23.17 9.81 -4.40
N TRP A 141 23.35 10.41 -5.57
CA TRP A 141 23.03 11.80 -5.82
C TRP A 141 21.50 11.88 -5.78
N ALA A 142 20.84 10.82 -6.27
CA ALA A 142 19.39 10.82 -6.36
C ALA A 142 18.83 10.49 -4.99
N TRP A 143 19.48 9.54 -4.30
CA TRP A 143 19.04 9.06 -2.99
C TRP A 143 19.14 10.19 -1.96
N GLU A 144 20.29 10.87 -1.95
CA GLU A 144 20.53 11.94 -1.00
C GLU A 144 19.74 13.17 -1.40
N GLY A 145 19.68 13.45 -2.70
CA GLY A 145 19.06 14.70 -3.12
C GLY A 145 17.56 14.67 -2.88
N TRP A 146 16.92 13.53 -3.13
CA TRP A 146 15.51 13.36 -2.76
C TRP A 146 15.21 13.56 -1.26
N ARG A 147 16.00 12.93 -0.39
CA ARG A 147 15.96 13.20 1.06
C ARG A 147 16.18 14.70 1.36
N ASP A 148 17.12 15.37 0.68
CA ASP A 148 17.45 16.76 0.97
C ASP A 148 16.33 17.73 0.66
N LYS A 149 15.57 17.49 -0.42
CA LYS A 149 14.61 18.44 -0.95
C LYS A 149 13.20 18.14 -0.47
N ALA A 150 12.85 16.86 -0.32
CA ALA A 150 11.56 16.43 0.15
C ALA A 150 11.57 16.21 1.67
N GLY A 151 12.37 15.27 2.18
CA GLY A 151 12.48 15.02 3.61
C GLY A 151 12.66 16.32 4.41
N ARG A 152 13.75 17.05 4.20
CA ARG A 152 14.01 18.18 5.07
C ARG A 152 12.86 19.20 5.04
N ALA A 153 12.18 19.37 3.89
CA ALA A 153 11.22 20.48 3.80
C ALA A 153 9.91 20.11 4.52
N ILE A 154 9.73 18.82 4.80
CA ILE A 154 8.56 18.34 5.52
C ILE A 154 8.71 18.57 7.02
N LEU A 155 9.97 18.48 7.55
CA LEU A 155 10.26 18.47 8.97
C LEU A 155 9.60 19.66 9.66
N GLN A 156 9.56 20.84 9.02
CA GLN A 156 9.03 22.01 9.72
C GLN A 156 7.57 21.79 10.11
N PHE A 157 6.83 20.97 9.35
CA PHE A 157 5.40 20.73 9.58
C PHE A 157 5.06 19.61 10.58
N TYR A 158 6.03 18.70 10.84
CA TYR A 158 5.68 17.38 11.34
C TYR A 158 5.29 17.43 12.82
N PRO A 159 6.06 18.07 13.73
CA PRO A 159 5.63 18.26 15.11
C PRO A 159 4.20 18.82 15.30
N LYS A 160 3.77 19.80 14.48
CA LYS A 160 2.43 20.34 14.67
C LYS A 160 1.39 19.34 14.13
N TYR A 161 1.74 18.59 13.10
CA TYR A 161 0.83 17.54 12.64
C TYR A 161 0.62 16.46 13.70
N VAL A 162 1.68 15.93 14.29
CA VAL A 162 1.56 14.96 15.38
C VAL A 162 0.69 15.54 16.48
N GLU A 163 0.94 16.77 16.90
CA GLU A 163 0.17 17.34 18.00
C GLU A 163 -1.34 17.45 17.65
N LEU A 164 -1.68 17.88 16.44
CA LEU A 164 -3.08 18.01 16.09
C LEU A 164 -3.74 16.63 15.88
N ILE A 165 -2.98 15.67 15.32
CA ILE A 165 -3.61 14.41 14.99
C ILE A 165 -3.82 13.59 16.27
N ASN A 166 -2.89 13.70 17.24
CA ASN A 166 -3.10 13.12 18.56
C ASN A 166 -4.22 13.87 19.29
N GLN A 167 -4.31 15.21 19.16
CA GLN A 167 -5.41 15.92 19.80
C GLN A 167 -6.77 15.40 19.26
N ALA A 168 -6.98 15.29 17.95
CA ALA A 168 -8.21 14.70 17.46
C ALA A 168 -8.43 13.32 18.09
N ALA A 169 -7.39 12.46 18.15
CA ALA A 169 -7.58 11.09 18.60
C ALA A 169 -8.10 11.06 20.04
N ARG A 170 -7.47 11.88 20.91
CA ARG A 170 -7.82 11.95 22.31
C ARG A 170 -9.26 12.44 22.49
N LEU A 171 -9.71 13.36 21.63
CA LEU A 171 -11.08 13.87 21.75
C LEU A 171 -12.05 12.82 21.21
N ASN A 172 -11.59 11.78 20.53
CA ASN A 172 -12.47 10.67 20.20
C ASN A 172 -12.24 9.47 21.16
N GLY A 173 -11.52 9.70 22.26
CA GLY A 173 -11.44 8.70 23.31
C GLY A 173 -10.27 7.72 23.18
N TYR A 174 -9.39 7.90 22.19
CA TYR A 174 -8.14 7.14 22.10
C TYR A 174 -7.00 7.82 22.87
N VAL A 175 -5.87 7.12 23.06
CA VAL A 175 -4.77 7.68 23.83
C VAL A 175 -3.91 8.58 22.94
N ASP A 176 -3.86 8.25 21.65
CA ASP A 176 -3.02 8.90 20.64
C ASP A 176 -3.45 8.36 19.27
N ALA A 177 -2.87 8.91 18.20
CA ALA A 177 -3.38 8.69 16.88
C ALA A 177 -3.02 7.28 16.40
N GLY A 178 -1.95 6.71 16.95
CA GLY A 178 -1.56 5.34 16.64
C GLY A 178 -2.54 4.30 17.21
N ASP A 179 -2.97 4.49 18.46
CA ASP A 179 -4.13 3.81 19.02
C ASP A 179 -5.34 3.84 18.06
N SER A 180 -5.74 5.05 17.64
CA SER A 180 -6.87 5.21 16.75
C SER A 180 -6.71 4.30 15.53
N TRP A 181 -5.57 4.43 14.84
CA TRP A 181 -5.29 3.71 13.61
C TRP A 181 -5.41 2.21 13.86
N ARG A 182 -4.70 1.70 14.90
CA ARG A 182 -4.70 0.27 15.16
C ARG A 182 -6.12 -0.25 15.43
N SER A 183 -7.02 0.65 15.90
CA SER A 183 -8.36 0.26 16.31
C SER A 183 -9.17 -0.12 15.08
N MET A 184 -8.75 0.23 13.90
CA MET A 184 -9.42 -0.19 12.68
C MET A 184 -9.45 -1.72 12.52
N TYR A 185 -8.49 -2.44 13.15
CA TYR A 185 -8.42 -3.90 13.05
C TYR A 185 -9.35 -4.59 14.09
N GLU A 186 -9.73 -3.89 15.16
CA GLU A 186 -10.57 -4.45 16.22
C GLU A 186 -9.87 -5.66 16.80
N THR A 187 -8.57 -5.55 17.05
CA THR A 187 -7.82 -6.73 17.38
C THR A 187 -6.81 -6.34 18.45
N PRO A 188 -7.20 -6.54 19.70
CA PRO A 188 -6.42 -6.10 20.86
C PRO A 188 -5.03 -6.71 20.91
N SER A 189 -4.92 -7.95 20.37
CA SER A 189 -3.64 -8.67 20.31
C SER A 189 -2.85 -8.34 19.04
N LEU A 190 -3.31 -7.33 18.24
CA LEU A 190 -2.68 -6.87 16.99
C LEU A 190 -1.15 -6.78 17.01
N GLU A 191 -0.55 -6.00 17.92
CA GLU A 191 0.90 -5.81 17.93
C GLU A 191 1.62 -7.13 18.14
N GLN A 192 1.15 -8.00 19.00
CA GLN A 192 1.74 -9.32 19.11
C GLN A 192 1.53 -10.15 17.83
N ASP A 193 0.32 -10.15 17.29
CA ASP A 193 0.05 -11.04 16.17
C ASP A 193 0.98 -10.67 15.02
N LEU A 194 1.03 -9.36 14.72
CA LEU A 194 1.91 -8.76 13.71
C LEU A 194 3.37 -9.17 13.88
N GLU A 195 3.92 -9.09 15.10
CA GLU A 195 5.30 -9.47 15.42
C GLU A 195 5.53 -10.97 15.16
N ARG A 196 4.64 -11.84 15.59
CA ARG A 196 4.77 -13.26 15.32
C ARG A 196 4.94 -13.53 13.84
N LEU A 197 4.05 -12.91 13.05
CA LEU A 197 4.09 -13.01 11.60
C LEU A 197 5.42 -12.54 11.00
N PHE A 198 5.92 -11.37 11.45
CA PHE A 198 7.18 -10.89 10.96
C PHE A 198 8.27 -11.89 11.37
N GLN A 199 8.17 -12.51 12.54
CA GLN A 199 9.25 -13.40 12.96
C GLN A 199 9.29 -14.66 12.09
N GLU A 200 8.15 -15.09 11.53
CA GLU A 200 8.12 -16.31 10.70
C GLU A 200 8.74 -16.14 9.31
N LEU A 201 8.64 -14.91 8.76
CA LEU A 201 9.38 -14.49 7.58
C LEU A 201 10.88 -14.23 7.78
N GLN A 202 11.47 -14.40 8.94
CA GLN A 202 12.88 -14.04 9.08
C GLN A 202 13.84 -14.95 8.32
N PRO A 203 13.74 -16.28 8.38
CA PRO A 203 14.59 -17.12 7.54
C PRO A 203 14.58 -16.74 6.06
N LEU A 204 13.39 -16.46 5.50
CA LEU A 204 13.36 -16.13 4.10
C LEU A 204 14.06 -14.78 3.85
N TYR A 205 13.69 -13.75 4.62
CA TYR A 205 14.27 -12.44 4.46
C TYR A 205 15.76 -12.51 4.77
N LEU A 206 16.20 -13.12 5.87
CA LEU A 206 17.64 -13.10 6.10
C LEU A 206 18.40 -13.78 4.96
N ASN A 207 17.88 -14.87 4.39
CA ASN A 207 18.59 -15.59 3.35
C ASN A 207 18.65 -14.79 2.04
N LEU A 208 17.53 -14.17 1.68
CA LEU A 208 17.46 -13.31 0.52
C LEU A 208 18.41 -12.13 0.71
N HIS A 209 18.37 -11.53 1.90
CA HIS A 209 19.23 -10.40 2.19
C HIS A 209 20.70 -10.76 2.07
N ALA A 210 21.08 -11.91 2.61
CA ALA A 210 22.49 -12.28 2.51
C ALA A 210 22.88 -12.50 1.04
N TYR A 211 22.00 -13.14 0.28
CA TYR A 211 22.39 -13.50 -1.07
C TYR A 211 22.51 -12.23 -1.92
N VAL A 212 21.58 -11.28 -1.69
CA VAL A 212 21.62 -10.06 -2.49
C VAL A 212 22.86 -9.28 -2.07
N ARG A 213 23.08 -9.23 -0.78
CA ARG A 213 24.29 -8.61 -0.28
C ARG A 213 25.52 -9.16 -0.98
N ARG A 214 25.62 -10.48 -1.18
CA ARG A 214 26.84 -11.00 -1.82
C ARG A 214 26.92 -10.47 -3.27
N ALA A 215 25.78 -10.52 -3.99
CA ALA A 215 25.71 -9.98 -5.35
C ALA A 215 26.07 -8.49 -5.38
N LEU A 216 25.59 -7.66 -4.46
CA LEU A 216 26.07 -6.29 -4.55
C LEU A 216 27.60 -6.23 -4.31
N HIS A 217 28.17 -7.10 -3.45
CA HIS A 217 29.62 -7.11 -3.22
C HIS A 217 30.39 -7.43 -4.49
N ARG A 218 29.86 -8.33 -5.32
CA ARG A 218 30.46 -8.63 -6.63
C ARG A 218 30.45 -7.38 -7.53
N HIS A 219 29.31 -6.71 -7.67
CA HIS A 219 29.18 -5.62 -8.62
C HIS A 219 29.83 -4.34 -8.08
N TYR A 220 29.52 -3.95 -6.85
CA TYR A 220 30.00 -2.65 -6.42
C TYR A 220 31.32 -2.69 -5.65
N GLY A 221 31.89 -3.87 -5.44
CA GLY A 221 33.22 -3.97 -4.84
C GLY A 221 33.21 -4.12 -3.31
N ALA A 222 34.17 -4.92 -2.85
CA ALA A 222 34.51 -5.25 -1.46
C ALA A 222 34.66 -4.02 -0.54
N GLN A 223 35.15 -2.92 -1.04
CA GLN A 223 35.33 -1.75 -0.21
C GLN A 223 34.03 -1.06 0.09
N HIS A 224 32.94 -1.44 -0.60
CA HIS A 224 31.65 -0.76 -0.44
C HIS A 224 30.56 -1.64 0.14
N ILE A 225 30.83 -2.94 0.31
CA ILE A 225 29.84 -3.88 0.80
C ILE A 225 30.55 -4.71 1.86
N ASN A 226 30.03 -4.60 3.10
CA ASN A 226 30.45 -5.45 4.20
C ASN A 226 29.65 -6.76 4.19
N LEU A 227 30.31 -7.92 4.04
CA LEU A 227 29.59 -9.18 3.85
C LEU A 227 28.88 -9.64 5.13
N GLU A 228 29.22 -8.95 6.24
CA GLU A 228 28.68 -9.24 7.56
C GLU A 228 27.94 -8.02 8.10
N GLY A 229 27.50 -7.11 7.25
CA GLY A 229 26.91 -5.87 7.73
C GLY A 229 25.61 -5.55 7.00
N PRO A 230 25.02 -4.36 7.25
CA PRO A 230 23.85 -3.95 6.47
C PRO A 230 24.21 -3.52 5.05
N ILE A 231 23.20 -3.58 4.16
CA ILE A 231 23.34 -3.15 2.78
C ILE A 231 23.10 -1.64 2.70
N PRO A 232 23.89 -0.85 1.96
CA PRO A 232 23.53 0.55 1.73
C PRO A 232 22.20 0.74 0.98
N ALA A 233 21.38 1.70 1.47
CA ALA A 233 19.96 1.82 1.19
C ALA A 233 19.62 2.31 -0.20
N HIS A 234 20.63 2.80 -0.91
CA HIS A 234 20.53 3.24 -2.29
C HIS A 234 20.89 2.20 -3.39
N LEU A 235 21.15 0.92 -3.15
CA LEU A 235 21.61 -0.02 -4.19
C LEU A 235 20.59 -1.09 -4.60
N LEU A 236 19.33 -0.95 -4.13
CA LEU A 236 18.31 -1.97 -4.29
C LEU A 236 17.31 -1.62 -5.40
N GLY A 237 17.58 -0.64 -6.23
CA GLY A 237 16.68 -0.37 -7.35
C GLY A 237 15.46 0.50 -7.00
N ASN A 238 15.39 1.01 -5.76
CA ASN A 238 14.18 1.68 -5.33
C ASN A 238 14.56 2.80 -4.36
N MET A 239 13.76 3.86 -4.43
CA MET A 239 14.04 5.05 -3.70
C MET A 239 14.09 4.69 -2.21
N TRP A 240 13.20 3.77 -1.74
CA TRP A 240 13.08 3.49 -0.31
C TRP A 240 13.57 2.06 0.02
N ALA A 241 14.03 1.33 -0.99
CA ALA A 241 14.52 -0.02 -0.78
C ALA A 241 13.39 -0.92 -0.30
N GLN A 242 12.16 -0.53 -0.68
CA GLN A 242 10.94 -1.22 -0.28
C GLN A 242 10.71 -2.37 -1.25
N THR A 243 11.17 -2.31 -2.50
CA THR A 243 11.07 -3.50 -3.34
C THR A 243 12.35 -3.55 -4.13
N TRP A 244 12.82 -4.74 -4.50
CA TRP A 244 14.16 -4.93 -5.01
C TRP A 244 14.20 -5.52 -6.43
N SER A 245 13.06 -5.57 -7.16
CA SER A 245 12.97 -6.30 -8.43
C SER A 245 13.77 -5.66 -9.57
N ASN A 246 14.10 -4.36 -9.41
CA ASN A 246 14.93 -3.71 -10.40
C ASN A 246 16.37 -4.18 -10.37
N ILE A 247 16.84 -4.90 -9.38
CA ILE A 247 18.19 -5.47 -9.48
C ILE A 247 18.18 -6.98 -9.77
N TYR A 248 17.06 -7.42 -10.39
CA TYR A 248 16.91 -8.79 -10.86
C TYR A 248 18.14 -9.24 -11.68
N ASP A 249 18.65 -8.34 -12.54
CA ASP A 249 19.82 -8.56 -13.40
C ASP A 249 21.16 -8.74 -12.66
N LEU A 250 21.35 -8.20 -11.46
CA LEU A 250 22.55 -8.47 -10.67
C LEU A 250 22.46 -9.77 -9.87
N VAL A 251 21.23 -10.36 -9.73
CA VAL A 251 21.01 -11.37 -8.71
C VAL A 251 20.43 -12.65 -9.28
N VAL A 252 20.47 -12.80 -10.61
CA VAL A 252 19.80 -13.88 -11.29
C VAL A 252 20.41 -15.16 -10.76
N PRO A 253 19.62 -16.12 -10.24
CA PRO A 253 20.16 -17.42 -9.86
C PRO A 253 20.77 -18.20 -11.02
N PHE A 254 20.09 -18.14 -12.17
CA PHE A 254 20.46 -18.89 -13.38
C PHE A 254 20.52 -17.95 -14.58
N PRO A 255 21.60 -17.13 -14.72
CA PRO A 255 21.72 -16.24 -15.85
C PRO A 255 21.61 -17.03 -17.14
N SER A 256 21.91 -18.34 -17.04
CA SER A 256 21.96 -19.22 -18.19
C SER A 256 20.58 -19.24 -18.88
N ALA A 257 19.55 -19.29 -18.03
CA ALA A 257 18.18 -19.29 -18.45
C ALA A 257 17.73 -17.86 -18.74
N PRO A 258 17.53 -17.47 -20.00
CA PRO A 258 17.21 -16.09 -20.33
C PRO A 258 15.72 -15.77 -20.20
N SER A 259 15.39 -14.66 -19.58
CA SER A 259 13.99 -14.29 -19.46
C SER A 259 13.75 -12.97 -20.19
N MET A 260 12.53 -12.79 -20.65
CA MET A 260 12.23 -11.78 -21.63
C MET A 260 12.08 -10.38 -21.02
N ASP A 261 12.17 -9.42 -21.94
CA ASP A 261 11.93 -8.02 -21.63
C ASP A 261 10.41 -7.79 -21.62
N THR A 262 9.82 -7.89 -20.44
CA THR A 262 8.37 -7.73 -20.35
C THR A 262 8.01 -6.34 -20.85
N THR A 263 8.82 -5.36 -20.43
CA THR A 263 8.60 -3.96 -20.75
C THR A 263 8.81 -3.76 -22.25
N GLU A 264 9.89 -4.28 -22.86
CA GLU A 264 10.13 -4.08 -24.29
C GLU A 264 9.01 -4.77 -25.07
N ALA A 265 8.45 -5.86 -24.50
CA ALA A 265 7.48 -6.64 -25.25
C ALA A 265 6.12 -5.94 -25.24
N MET A 266 5.84 -5.28 -24.11
CA MET A 266 4.60 -4.53 -23.94
C MET A 266 4.58 -3.35 -24.91
N LEU A 267 5.63 -2.52 -24.88
CA LEU A 267 5.80 -1.44 -25.86
C LEU A 267 5.72 -2.04 -27.26
N LYS A 268 6.65 -2.97 -27.54
CA LYS A 268 6.75 -3.61 -28.85
C LYS A 268 5.37 -3.99 -29.38
N GLN A 269 4.44 -4.39 -28.49
CA GLN A 269 3.17 -4.94 -28.94
C GLN A 269 2.03 -3.92 -28.83
N GLY A 270 2.37 -2.67 -28.49
CA GLY A 270 1.41 -1.59 -28.53
C GLY A 270 0.40 -1.70 -27.38
N TRP A 271 0.95 -1.99 -26.21
CA TRP A 271 0.16 -2.01 -25.00
C TRP A 271 -0.02 -0.57 -24.58
N THR A 272 -1.27 -0.19 -24.30
CA THR A 272 -1.62 1.09 -23.68
C THR A 272 -2.11 0.90 -22.25
N PRO A 273 -2.13 1.97 -21.41
CA PRO A 273 -2.78 1.90 -20.10
C PRO A 273 -4.20 1.36 -20.19
N ARG A 274 -4.94 1.72 -21.24
CA ARG A 274 -6.29 1.23 -21.31
C ARG A 274 -6.29 -0.29 -21.45
N ARG A 275 -5.55 -0.86 -22.40
CA ARG A 275 -5.40 -2.30 -22.52
C ARG A 275 -4.98 -2.94 -21.18
N MET A 276 -4.10 -2.29 -20.42
CA MET A 276 -3.67 -2.78 -19.11
C MET A 276 -4.87 -2.93 -18.13
N PHE A 277 -5.79 -1.95 -18.11
CA PHE A 277 -6.94 -1.96 -17.22
C PHE A 277 -8.00 -2.90 -17.78
N LYS A 278 -8.07 -3.03 -19.09
CA LYS A 278 -9.01 -3.97 -19.67
C LYS A 278 -8.60 -5.40 -19.34
N GLU A 279 -7.28 -5.69 -19.29
CA GLU A 279 -6.83 -7.02 -18.85
C GLU A 279 -7.24 -7.31 -17.41
N ALA A 280 -7.13 -6.31 -16.52
CA ALA A 280 -7.54 -6.52 -15.13
C ALA A 280 -9.05 -6.76 -15.08
N ASP A 281 -9.80 -5.94 -15.81
CA ASP A 281 -11.24 -6.09 -15.76
C ASP A 281 -11.57 -7.51 -16.16
N ASP A 282 -10.92 -7.98 -17.25
CA ASP A 282 -11.21 -9.32 -17.77
C ASP A 282 -10.91 -10.41 -16.72
N PHE A 283 -9.78 -10.29 -16.01
CA PHE A 283 -9.42 -11.28 -15.00
C PHE A 283 -10.54 -11.32 -13.96
N PHE A 284 -10.95 -10.17 -13.44
CA PHE A 284 -12.02 -10.16 -12.46
C PHE A 284 -13.28 -10.83 -13.03
N THR A 285 -13.62 -10.57 -14.31
CA THR A 285 -14.89 -11.11 -14.79
C THR A 285 -14.72 -12.58 -15.15
N SER A 286 -13.46 -13.08 -15.25
CA SER A 286 -13.22 -14.51 -15.47
C SER A 286 -13.58 -15.34 -14.24
N LEU A 287 -13.41 -14.65 -13.10
CA LEU A 287 -13.69 -15.20 -11.79
C LEU A 287 -15.18 -15.24 -11.48
N GLY A 288 -16.01 -14.64 -12.36
CA GLY A 288 -17.41 -14.43 -12.05
C GLY A 288 -17.61 -13.17 -11.20
N LEU A 289 -16.57 -12.37 -10.92
CA LEU A 289 -16.77 -11.14 -10.18
C LEU A 289 -17.36 -10.08 -11.12
N LEU A 290 -17.48 -8.84 -10.61
CA LEU A 290 -18.20 -7.78 -11.29
C LEU A 290 -17.30 -7.02 -12.26
N PRO A 291 -17.89 -6.64 -13.43
CA PRO A 291 -17.28 -5.69 -14.37
C PRO A 291 -17.35 -4.24 -13.90
N VAL A 292 -16.32 -3.43 -14.20
CA VAL A 292 -16.43 -2.01 -13.97
C VAL A 292 -17.58 -1.44 -14.82
N PRO A 293 -18.43 -0.53 -14.27
CA PRO A 293 -19.54 0.00 -15.07
C PRO A 293 -18.99 0.86 -16.18
N PRO A 294 -19.76 1.01 -17.29
CA PRO A 294 -19.37 1.92 -18.37
C PRO A 294 -18.83 3.28 -17.87
N GLU A 295 -19.50 3.85 -16.86
CA GLU A 295 -19.18 5.17 -16.33
C GLU A 295 -17.70 5.25 -15.97
N PHE A 296 -17.15 4.18 -15.38
CA PHE A 296 -15.73 4.06 -14.97
C PHE A 296 -14.79 4.28 -16.15
N TRP A 297 -15.13 3.70 -17.31
CA TRP A 297 -14.32 3.87 -18.50
C TRP A 297 -14.33 5.32 -18.97
N GLN A 298 -15.49 6.00 -18.87
CA GLN A 298 -15.60 7.39 -19.32
C GLN A 298 -14.98 8.41 -18.35
N LYS A 299 -15.01 8.18 -17.02
CA LYS A 299 -14.69 9.23 -16.05
C LYS A 299 -13.31 9.03 -15.42
N SER A 300 -12.80 7.80 -15.47
CA SER A 300 -11.51 7.53 -14.87
C SER A 300 -10.44 8.36 -15.61
N MET A 301 -9.28 8.46 -14.95
CA MET A 301 -8.08 9.08 -15.47
C MET A 301 -6.99 8.00 -15.44
N LEU A 302 -6.89 7.25 -16.55
CA LEU A 302 -6.07 6.05 -16.57
C LEU A 302 -4.63 6.36 -16.99
N GLU A 303 -4.39 7.60 -17.45
CA GLU A 303 -3.05 8.03 -17.82
C GLU A 303 -2.92 9.52 -17.56
N LYS A 304 -1.65 9.97 -17.37
CA LYS A 304 -1.37 11.39 -17.25
C LYS A 304 -1.99 12.15 -18.44
N PRO A 305 -2.79 13.23 -18.22
CA PRO A 305 -3.31 14.01 -19.34
C PRO A 305 -2.26 14.96 -19.93
N THR A 306 -2.54 15.39 -21.15
CA THR A 306 -1.60 16.19 -21.95
C THR A 306 -2.27 17.49 -22.39
N ASP A 307 -3.35 17.91 -21.73
CA ASP A 307 -4.17 19.04 -22.19
C ASP A 307 -3.79 20.29 -21.40
N GLY A 308 -2.66 20.21 -20.69
CA GLY A 308 -2.21 21.25 -19.79
C GLY A 308 -2.51 20.86 -18.36
N ARG A 309 -3.77 20.46 -18.12
CA ARG A 309 -4.22 20.00 -16.81
C ARG A 309 -3.10 19.37 -15.99
N GLU A 310 -3.02 19.79 -14.73
CA GLU A 310 -2.12 19.23 -13.74
C GLU A 310 -2.88 18.42 -12.68
N VAL A 311 -2.23 17.34 -12.21
CA VAL A 311 -2.91 16.24 -11.55
C VAL A 311 -2.05 15.63 -10.47
N VAL A 312 -2.66 14.94 -9.50
CA VAL A 312 -1.89 14.16 -8.55
C VAL A 312 -1.83 12.76 -9.13
N CYS A 313 -0.62 12.23 -9.21
CA CYS A 313 -0.31 11.09 -10.04
C CYS A 313 -0.46 9.80 -9.24
N HIS A 314 -0.22 9.85 -7.92
CA HIS A 314 -0.19 8.67 -7.05
C HIS A 314 -1.43 7.84 -7.35
N ALA A 315 -1.17 6.56 -7.66
CA ALA A 315 -2.27 5.64 -7.94
C ALA A 315 -3.23 5.53 -6.75
N SER A 316 -4.52 5.69 -7.05
CA SER A 316 -5.56 5.57 -6.06
C SER A 316 -6.89 5.19 -6.72
N ALA A 317 -7.79 4.61 -5.92
CA ALA A 317 -9.10 4.15 -6.38
C ALA A 317 -10.19 4.90 -5.62
N TRP A 318 -11.29 5.23 -6.30
CA TRP A 318 -12.18 6.27 -5.79
C TRP A 318 -13.62 5.78 -5.75
N ASP A 319 -14.20 5.70 -4.55
CA ASP A 319 -15.63 5.47 -4.35
C ASP A 319 -16.38 6.81 -4.20
N PHE A 320 -17.46 7.02 -4.95
CA PHE A 320 -18.17 8.30 -4.95
C PHE A 320 -19.45 8.25 -4.12
N TYR A 321 -19.67 7.12 -3.42
CA TYR A 321 -20.68 6.91 -2.39
C TYR A 321 -22.08 7.11 -2.97
N ASN A 322 -22.31 6.54 -4.15
CA ASN A 322 -23.66 6.41 -4.69
C ASN A 322 -23.91 5.07 -5.39
N GLY A 323 -22.96 4.13 -5.27
CA GLY A 323 -23.21 2.79 -5.79
C GLY A 323 -23.11 2.64 -7.32
N LYS A 324 -22.55 3.62 -8.04
CA LYS A 324 -22.63 3.65 -9.49
C LYS A 324 -21.28 4.08 -10.09
N ASP A 325 -20.71 5.10 -9.45
CA ASP A 325 -19.58 5.89 -9.92
C ASP A 325 -18.33 5.54 -9.10
N PHE A 326 -17.43 4.79 -9.73
CA PHE A 326 -16.13 4.42 -9.19
C PHE A 326 -15.04 4.79 -10.22
N ARG A 327 -13.85 5.22 -9.74
CA ARG A 327 -12.82 5.68 -10.64
C ARG A 327 -11.45 5.28 -10.12
N ILE A 328 -10.52 5.02 -11.05
CA ILE A 328 -9.09 5.02 -10.77
C ILE A 328 -8.45 6.25 -11.40
N LYS A 329 -7.49 6.79 -10.65
CA LYS A 329 -6.65 7.89 -11.05
C LYS A 329 -5.19 7.44 -10.91
N GLN A 330 -4.56 7.29 -12.07
CA GLN A 330 -3.23 6.72 -12.17
C GLN A 330 -2.57 7.25 -13.44
N CYS A 331 -1.34 7.77 -13.23
CA CYS A 331 -0.42 8.12 -14.30
C CYS A 331 0.34 6.86 -14.72
N THR A 332 -0.39 5.96 -15.40
CA THR A 332 0.07 4.61 -15.69
C THR A 332 1.21 4.71 -16.69
N THR A 333 2.30 3.98 -16.42
CA THR A 333 3.39 3.70 -17.37
C THR A 333 3.19 2.32 -18.00
N VAL A 334 3.56 2.11 -19.27
CA VAL A 334 3.39 0.81 -19.87
C VAL A 334 4.54 -0.12 -19.47
N ASN A 335 4.32 -0.91 -18.42
CA ASN A 335 5.25 -1.97 -18.04
C ASN A 335 4.60 -2.92 -17.04
N LEU A 336 5.41 -3.76 -16.34
CA LEU A 336 4.96 -4.85 -15.50
C LEU A 336 4.56 -4.36 -14.11
N GLU A 337 5.44 -3.63 -13.44
CA GLU A 337 5.12 -3.02 -12.16
C GLU A 337 3.76 -2.36 -12.26
N ASP A 338 3.54 -1.57 -13.29
CA ASP A 338 2.33 -0.78 -13.34
C ASP A 338 1.14 -1.66 -13.70
N LEU A 339 1.34 -2.79 -14.42
CA LEU A 339 0.23 -3.71 -14.68
C LEU A 339 -0.33 -4.33 -13.38
N VAL A 340 0.55 -4.47 -12.37
CA VAL A 340 0.31 -5.16 -11.12
C VAL A 340 -0.37 -4.13 -10.24
N VAL A 341 0.15 -2.90 -10.25
CA VAL A 341 -0.51 -1.76 -9.61
C VAL A 341 -1.87 -1.52 -10.23
N ALA A 342 -2.05 -1.63 -11.55
CA ALA A 342 -3.40 -1.52 -12.07
C ALA A 342 -4.32 -2.58 -11.44
N HIS A 343 -3.81 -3.82 -11.24
CA HIS A 343 -4.61 -4.88 -10.66
C HIS A 343 -5.05 -4.47 -9.24
N HIS A 344 -4.06 -4.07 -8.43
CA HIS A 344 -4.23 -3.58 -7.09
C HIS A 344 -5.32 -2.51 -6.96
N GLU A 345 -5.26 -1.48 -7.80
CA GLU A 345 -6.31 -0.47 -7.82
C GLU A 345 -7.64 -1.08 -8.24
N MET A 346 -7.64 -1.98 -9.21
CA MET A 346 -8.87 -2.62 -9.68
C MET A 346 -9.49 -3.48 -8.58
N GLY A 347 -8.68 -4.04 -7.67
CA GLY A 347 -9.20 -4.76 -6.51
C GLY A 347 -9.92 -3.83 -5.53
N HIS A 348 -9.36 -2.64 -5.32
CA HIS A 348 -10.04 -1.59 -4.57
C HIS A 348 -11.43 -1.45 -5.20
N ILE A 349 -11.48 -1.30 -6.52
CA ILE A 349 -12.72 -0.98 -7.18
C ILE A 349 -13.69 -2.14 -7.01
N GLN A 350 -13.18 -3.38 -7.07
CA GLN A 350 -14.08 -4.52 -7.04
C GLN A 350 -14.78 -4.52 -5.68
N TYR A 351 -14.02 -4.16 -4.64
CA TYR A 351 -14.50 -4.20 -3.27
C TYR A 351 -15.62 -3.19 -3.15
N PHE A 352 -15.40 -1.93 -3.60
CA PHE A 352 -16.44 -0.90 -3.64
C PHE A 352 -17.76 -1.42 -4.25
N MET A 353 -17.67 -2.16 -5.34
CA MET A 353 -18.87 -2.62 -6.02
C MET A 353 -19.60 -3.70 -5.21
N GLN A 354 -18.81 -4.62 -4.67
CA GLN A 354 -19.31 -5.74 -3.89
C GLN A 354 -20.08 -5.28 -2.63
N TYR A 355 -19.68 -4.14 -2.04
CA TYR A 355 -20.31 -3.68 -0.81
C TYR A 355 -21.10 -2.38 -0.98
N LYS A 356 -21.52 -2.05 -2.19
CA LYS A 356 -22.24 -0.81 -2.45
C LYS A 356 -23.65 -0.78 -1.84
N ASP A 357 -24.20 -1.91 -1.39
CA ASP A 357 -25.57 -1.98 -0.88
C ASP A 357 -25.62 -1.83 0.66
N LEU A 358 -24.52 -2.13 1.34
CA LEU A 358 -24.39 -1.81 2.75
C LEU A 358 -24.64 -0.34 3.01
N PRO A 359 -25.03 0.07 4.23
CA PRO A 359 -24.88 1.47 4.63
C PRO A 359 -23.44 1.98 4.61
N VAL A 360 -23.29 3.28 4.28
CA VAL A 360 -21.98 3.83 3.98
C VAL A 360 -20.99 3.63 5.14
N ALA A 361 -21.41 3.62 6.39
CA ALA A 361 -20.49 3.46 7.50
C ALA A 361 -19.83 2.08 7.54
N LEU A 362 -20.44 1.14 6.80
CA LEU A 362 -19.98 -0.24 6.66
C LEU A 362 -19.29 -0.43 5.32
N ARG A 363 -19.23 0.65 4.52
CA ARG A 363 -18.63 0.56 3.19
C ARG A 363 -17.13 0.70 3.36
N GLU A 364 -16.52 -0.38 3.79
CA GLU A 364 -15.08 -0.45 3.90
C GLU A 364 -14.71 -1.92 3.95
N GLY A 365 -13.44 -2.20 3.82
CA GLY A 365 -12.94 -3.57 3.92
C GLY A 365 -13.06 -4.09 5.34
N ALA A 366 -13.09 -5.41 5.44
CA ALA A 366 -13.29 -6.06 6.71
C ALA A 366 -12.16 -5.66 7.67
N ASN A 367 -10.97 -5.46 7.13
CA ASN A 367 -10.00 -4.59 7.76
C ASN A 367 -9.21 -3.93 6.63
N PRO A 368 -8.38 -2.89 6.90
CA PRO A 368 -7.60 -2.25 5.85
C PRO A 368 -6.72 -3.19 5.05
N GLY A 369 -6.09 -4.16 5.71
CA GLY A 369 -5.35 -5.17 4.97
C GLY A 369 -6.19 -5.86 3.90
N PHE A 370 -7.38 -6.35 4.23
CA PHE A 370 -8.29 -6.96 3.27
C PHE A 370 -8.46 -6.03 2.07
N HIS A 371 -8.55 -4.73 2.32
CA HIS A 371 -8.83 -3.80 1.23
C HIS A 371 -7.68 -3.86 0.23
N GLU A 372 -6.46 -4.00 0.75
CA GLU A 372 -5.25 -3.88 -0.07
C GLU A 372 -4.90 -5.20 -0.73
N ALA A 373 -5.46 -6.31 -0.26
CA ALA A 373 -4.95 -7.60 -0.70
C ALA A 373 -5.62 -8.07 -1.98
N ILE A 374 -6.84 -7.57 -2.30
CA ILE A 374 -7.70 -8.23 -3.26
C ILE A 374 -7.06 -8.30 -4.66
N GLY A 375 -6.64 -7.15 -5.16
CA GLY A 375 -6.01 -7.04 -6.47
C GLY A 375 -4.71 -7.80 -6.54
N ASP A 376 -3.91 -7.76 -5.46
CA ASP A 376 -2.63 -8.47 -5.41
C ASP A 376 -2.82 -9.97 -5.60
N VAL A 377 -3.93 -10.49 -5.09
CA VAL A 377 -4.25 -11.90 -5.28
C VAL A 377 -4.37 -12.24 -6.78
N LEU A 378 -5.12 -11.43 -7.50
CA LEU A 378 -5.32 -11.69 -8.91
C LEU A 378 -3.96 -11.56 -9.60
N ALA A 379 -3.20 -10.57 -9.16
CA ALA A 379 -1.91 -10.33 -9.78
C ALA A 379 -0.87 -11.45 -9.54
N LEU A 380 -0.88 -12.13 -8.40
CA LEU A 380 0.01 -13.27 -8.28
C LEU A 380 -0.18 -14.24 -9.47
N SER A 381 -1.43 -14.35 -9.96
CA SER A 381 -1.76 -15.25 -11.05
C SER A 381 -1.30 -14.67 -12.40
N VAL A 382 -1.58 -13.37 -12.56
CA VAL A 382 -1.13 -12.66 -13.75
C VAL A 382 0.39 -12.87 -13.97
N SER A 383 1.19 -12.63 -12.94
CA SER A 383 2.63 -12.73 -12.93
C SER A 383 3.17 -14.14 -13.16
N THR A 384 2.37 -15.20 -13.14
CA THR A 384 2.99 -16.50 -13.43
C THR A 384 3.54 -16.53 -14.86
N PRO A 385 4.67 -17.26 -15.08
CA PRO A 385 5.11 -17.58 -16.42
C PRO A 385 3.98 -18.08 -17.31
N LYS A 386 3.15 -19.00 -16.84
CA LYS A 386 2.12 -19.51 -17.72
C LYS A 386 1.21 -18.36 -18.23
N HIS A 387 0.87 -17.39 -17.35
CA HIS A 387 -0.04 -16.32 -17.70
C HIS A 387 0.62 -15.25 -18.59
N LEU A 388 1.85 -14.83 -18.23
CA LEU A 388 2.62 -13.86 -19.02
C LEU A 388 2.88 -14.41 -20.45
N HIS A 389 3.21 -15.70 -20.57
CA HIS A 389 3.30 -16.34 -21.86
C HIS A 389 2.04 -16.14 -22.70
N SER A 390 0.89 -16.11 -22.06
CA SER A 390 -0.38 -16.11 -22.78
C SER A 390 -0.82 -14.68 -23.12
N LEU A 391 -0.29 -13.69 -22.40
CA LEU A 391 -0.29 -12.32 -22.88
C LEU A 391 0.79 -12.05 -23.95
N ASN A 392 1.56 -13.09 -24.31
CA ASN A 392 2.73 -12.99 -25.16
C ASN A 392 3.76 -11.95 -24.71
N LEU A 393 4.17 -12.00 -23.43
CA LEU A 393 5.23 -11.17 -22.86
C LEU A 393 6.27 -12.07 -22.24
N LEU A 394 6.20 -13.35 -22.56
CA LEU A 394 7.22 -14.32 -22.15
C LEU A 394 7.23 -15.40 -23.21
N SER A 395 8.31 -16.20 -23.21
CA SER A 395 8.38 -17.49 -23.91
C SER A 395 8.07 -18.57 -22.87
N SER A 396 8.04 -19.86 -23.29
CA SER A 396 7.73 -20.99 -22.41
C SER A 396 6.28 -20.92 -21.87
N SER A 400 11.12 -25.90 -16.64
CA SER A 400 12.54 -26.13 -16.21
C SER A 400 12.77 -25.48 -14.85
N ASP A 401 13.64 -26.14 -14.05
CA ASP A 401 13.88 -25.80 -12.64
C ASP A 401 14.55 -24.42 -12.58
N GLU A 402 15.43 -24.18 -13.55
CA GLU A 402 16.18 -22.95 -13.58
C GLU A 402 15.17 -21.82 -13.76
N HIS A 403 14.24 -21.98 -14.72
CA HIS A 403 13.27 -20.91 -14.98
C HIS A 403 12.45 -20.64 -13.70
N ASP A 404 12.18 -21.73 -13.00
CA ASP A 404 11.35 -21.76 -11.84
C ASP A 404 11.99 -20.97 -10.70
N ILE A 405 13.25 -21.28 -10.33
CA ILE A 405 13.95 -20.55 -9.28
C ILE A 405 14.07 -19.08 -9.67
N ASN A 406 14.21 -18.80 -10.98
CA ASN A 406 14.33 -17.44 -11.49
C ASN A 406 13.01 -16.67 -11.21
N PHE A 407 11.89 -17.31 -11.52
CA PHE A 407 10.59 -16.72 -11.25
C PHE A 407 10.41 -16.43 -9.75
N LEU A 408 10.77 -17.39 -8.90
CA LEU A 408 10.55 -17.20 -7.48
C LEU A 408 11.42 -16.07 -6.95
N MET A 409 12.61 -15.89 -7.56
CA MET A 409 13.51 -14.82 -7.16
C MET A 409 12.93 -13.45 -7.50
N LYS A 410 12.35 -13.36 -8.70
CA LYS A 410 11.71 -12.15 -9.16
C LYS A 410 10.60 -11.82 -8.18
N MET A 411 9.74 -12.81 -7.88
CA MET A 411 8.71 -12.61 -6.87
C MET A 411 9.28 -12.23 -5.48
N ALA A 412 10.34 -12.92 -5.01
CA ALA A 412 10.88 -12.63 -3.70
C ALA A 412 11.28 -11.16 -3.60
N LEU A 413 11.79 -10.60 -4.69
CA LEU A 413 12.41 -9.29 -4.59
C LEU A 413 11.31 -8.23 -4.41
N ASP A 414 10.07 -8.53 -4.81
CA ASP A 414 8.94 -7.63 -4.76
C ASP A 414 8.14 -7.86 -3.49
N LYS A 415 8.09 -9.12 -3.00
CA LYS A 415 7.17 -9.58 -1.95
C LYS A 415 7.88 -9.76 -0.61
N ILE A 416 8.93 -10.60 -0.51
CA ILE A 416 9.72 -10.79 0.71
C ILE A 416 10.41 -9.48 1.14
N ALA A 417 11.16 -8.87 0.26
CA ALA A 417 11.83 -7.62 0.53
C ALA A 417 10.92 -6.57 1.17
N PHE A 418 9.65 -6.46 0.73
CA PHE A 418 8.73 -5.43 1.17
C PHE A 418 8.22 -5.73 2.57
N ILE A 419 8.37 -7.00 3.01
CA ILE A 419 7.81 -7.46 4.29
C ILE A 419 8.36 -6.58 5.40
N PRO A 420 9.69 -6.49 5.62
CA PRO A 420 10.15 -5.69 6.74
C PRO A 420 9.94 -4.20 6.54
N PHE A 421 9.97 -3.71 5.32
CA PHE A 421 9.73 -2.28 5.11
C PHE A 421 8.29 -1.90 5.53
N SER A 422 7.33 -2.76 5.21
CA SER A 422 5.92 -2.46 5.40
C SER A 422 5.62 -2.52 6.90
N TYR A 423 6.39 -3.37 7.57
CA TYR A 423 6.30 -3.50 9.01
C TYR A 423 6.83 -2.23 9.66
N LEU A 424 7.99 -1.72 9.20
CA LEU A 424 8.64 -0.70 10.01
C LEU A 424 8.02 0.70 9.93
N VAL A 425 7.30 1.10 8.90
CA VAL A 425 6.80 2.45 8.74
C VAL A 425 6.03 2.85 10.00
N ASP A 426 5.01 2.07 10.35
CA ASP A 426 4.14 2.37 11.47
C ASP A 426 4.77 1.89 12.78
N GLN A 427 5.68 0.91 12.74
CA GLN A 427 6.40 0.77 13.98
C GLN A 427 6.88 2.14 14.41
N TRP A 428 7.49 2.88 13.47
CA TRP A 428 8.08 4.20 13.71
C TRP A 428 7.01 5.21 14.16
N ARG A 429 5.89 5.31 13.42
CA ARG A 429 4.91 6.35 13.63
C ARG A 429 4.17 6.13 14.96
N TRP A 430 3.96 4.83 15.31
CA TRP A 430 3.30 4.50 16.54
C TRP A 430 4.07 5.03 17.74
N ARG A 431 5.42 4.99 17.66
CA ARG A 431 6.24 5.51 18.73
C ARG A 431 6.31 7.05 18.69
N VAL A 432 6.09 7.63 17.50
CA VAL A 432 6.02 9.09 17.39
C VAL A 432 4.74 9.58 18.05
N PHE A 433 3.64 8.87 17.76
CA PHE A 433 2.34 9.32 18.26
C PHE A 433 2.22 9.13 19.77
N ASP A 434 2.75 8.01 20.26
CA ASP A 434 2.73 7.76 21.70
C ASP A 434 3.75 8.61 22.48
N GLY A 435 4.57 9.44 21.83
CA GLY A 435 5.52 10.29 22.55
C GLY A 435 6.86 9.61 22.91
N SER A 436 7.09 8.36 22.55
CA SER A 436 8.39 7.71 22.75
C SER A 436 9.54 8.37 21.96
N ILE A 437 9.23 8.73 20.71
CA ILE A 437 10.12 9.40 19.76
C ILE A 437 9.69 10.87 19.66
N THR A 438 10.64 11.79 19.95
CA THR A 438 10.45 13.22 19.85
C THR A 438 11.10 13.69 18.54
N LYS A 439 10.87 14.97 18.20
CA LYS A 439 11.52 15.57 17.03
C LYS A 439 13.02 15.66 17.27
N GLU A 440 13.51 15.61 18.50
CA GLU A 440 14.94 15.47 18.66
C GLU A 440 15.40 14.15 18.07
N ASN A 441 14.60 13.09 17.96
CA ASN A 441 15.24 11.90 17.42
C ASN A 441 14.36 11.17 16.41
N TYR A 442 13.45 11.88 15.75
CA TYR A 442 12.72 11.30 14.62
C TYR A 442 13.66 10.48 13.73
N ASN A 443 14.68 11.15 13.21
CA ASN A 443 15.50 10.55 12.17
C ASN A 443 16.32 9.38 12.69
N GLN A 444 16.98 9.55 13.85
CA GLN A 444 17.80 8.50 14.45
C GLN A 444 16.96 7.23 14.62
N GLU A 445 15.69 7.41 15.02
CA GLU A 445 14.90 6.24 15.37
C GLU A 445 14.42 5.57 14.10
N TRP A 446 14.26 6.38 13.04
CA TRP A 446 13.99 5.81 11.72
C TRP A 446 15.11 4.86 11.35
N TRP A 447 16.34 5.34 11.43
CA TRP A 447 17.46 4.56 10.94
C TRP A 447 17.71 3.36 11.88
N SER A 448 17.42 3.53 13.18
CA SER A 448 17.53 2.38 14.06
C SER A 448 16.62 1.24 13.62
N LEU A 449 15.47 1.56 13.03
CA LEU A 449 14.51 0.55 12.64
C LEU A 449 14.85 0.01 11.25
N ARG A 450 15.39 0.89 10.39
CA ARG A 450 15.81 0.49 9.06
C ARG A 450 16.85 -0.61 9.21
N LEU A 451 17.79 -0.39 10.16
CA LEU A 451 18.80 -1.34 10.51
C LEU A 451 18.16 -2.60 11.08
N LYS A 452 17.30 -2.46 12.09
CA LYS A 452 16.88 -3.61 12.86
C LYS A 452 16.02 -4.55 12.00
N TYR A 453 15.07 -4.01 11.25
CA TYR A 453 14.17 -4.84 10.50
C TYR A 453 14.65 -5.16 9.09
N GLN A 454 15.18 -4.16 8.32
CA GLN A 454 15.59 -4.32 6.93
C GLN A 454 17.07 -4.66 6.78
N GLY A 455 17.91 -4.37 7.76
CA GLY A 455 19.34 -4.56 7.52
C GLY A 455 19.90 -3.64 6.42
N LEU A 456 19.52 -2.38 6.49
CA LEU A 456 20.02 -1.33 5.64
C LEU A 456 20.76 -0.29 6.49
N CSO A 457 21.67 0.47 5.89
CA CSO A 457 22.34 1.64 6.46
CB CSO A 457 23.85 1.39 6.84
SG CSO A 457 24.85 0.63 5.52
C CSO A 457 22.27 2.77 5.44
O CSO A 457 22.07 2.52 4.22
OD CSO A 457 25.77 1.89 4.79
N PRO A 458 22.41 4.03 5.90
CA PRO A 458 22.34 5.17 4.99
C PRO A 458 23.70 5.36 4.37
N PRO A 459 23.85 5.47 3.03
CA PRO A 459 25.15 5.64 2.41
C PRO A 459 25.87 6.91 2.87
N VAL A 460 25.12 7.92 3.31
CA VAL A 460 25.66 9.18 3.77
C VAL A 460 25.20 9.38 5.21
N PRO A 461 26.11 9.59 6.17
CA PRO A 461 25.72 9.86 7.54
C PRO A 461 24.68 10.99 7.62
N ARG A 462 23.61 10.78 8.37
CA ARG A 462 22.49 11.69 8.41
C ARG A 462 22.91 12.83 9.28
N THR A 463 22.26 13.98 9.14
CA THR A 463 22.60 15.14 9.95
C THR A 463 21.33 15.76 10.53
N GLN A 464 21.54 16.64 11.51
CA GLN A 464 20.47 17.46 12.07
C GLN A 464 19.77 18.20 10.93
N GLY A 465 18.44 18.27 11.02
CA GLY A 465 17.59 18.77 9.94
C GLY A 465 17.19 17.66 8.96
N ASP A 466 17.91 16.51 8.89
CA ASP A 466 17.38 15.48 8.03
C ASP A 466 16.07 14.91 8.62
N PHE A 467 15.17 14.45 7.73
CA PHE A 467 13.86 13.94 8.11
C PHE A 467 13.44 12.96 7.04
N ASP A 468 14.20 11.87 6.94
CA ASP A 468 14.06 10.92 5.84
C ASP A 468 12.63 10.35 5.73
N PRO A 469 11.90 10.10 6.81
CA PRO A 469 10.54 9.66 6.62
C PRO A 469 9.72 10.61 5.79
N GLY A 470 9.92 11.95 5.87
CA GLY A 470 9.15 12.87 5.02
C GLY A 470 9.38 12.57 3.52
N ALA A 471 10.41 11.78 3.21
CA ALA A 471 10.68 11.44 1.81
C ALA A 471 9.87 10.24 1.30
N LYS A 472 9.05 9.63 2.12
CA LYS A 472 8.12 8.63 1.62
C LYS A 472 6.68 9.14 1.68
N PHE A 473 5.96 9.01 0.55
CA PHE A 473 4.69 9.74 0.34
C PHE A 473 3.72 9.66 1.53
N HIS A 474 3.57 8.46 2.07
CA HIS A 474 2.55 8.08 3.03
C HIS A 474 2.71 8.85 4.34
N ILE A 475 3.91 9.42 4.63
CA ILE A 475 4.20 10.13 5.87
C ILE A 475 3.61 11.55 5.77
N PRO A 476 4.02 12.44 4.87
CA PRO A 476 3.34 13.72 4.75
C PRO A 476 1.86 13.65 4.36
N SER A 477 1.44 12.59 3.66
CA SER A 477 0.03 12.44 3.31
C SER A 477 -0.79 11.66 4.37
N SER A 478 -0.20 11.17 5.50
CA SER A 478 -0.98 10.64 6.65
C SER A 478 -1.89 9.48 6.24
N VAL A 479 -1.27 8.54 5.52
CA VAL A 479 -1.95 7.32 5.09
C VAL A 479 -1.29 6.21 5.89
N PRO A 480 -2.06 5.51 6.72
CA PRO A 480 -1.53 4.37 7.46
C PRO A 480 -0.89 3.31 6.55
N TYR A 481 0.12 2.60 7.07
CA TYR A 481 0.97 1.75 6.26
C TYR A 481 0.92 0.30 6.72
N ILE A 482 0.47 0.00 7.95
CA ILE A 482 0.52 -1.38 8.41
C ILE A 482 -0.36 -2.27 7.53
N ARG A 483 -1.38 -1.67 6.93
CA ARG A 483 -2.31 -2.36 6.04
C ARG A 483 -1.60 -3.17 4.97
N TYR A 484 -0.48 -2.66 4.42
CA TYR A 484 0.31 -3.25 3.36
C TYR A 484 1.11 -4.45 3.89
N PHE A 485 1.55 -4.39 5.16
CA PHE A 485 2.20 -5.57 5.76
C PHE A 485 1.19 -6.71 5.89
N VAL A 486 -0.01 -6.35 6.33
CA VAL A 486 -1.06 -7.32 6.54
C VAL A 486 -1.41 -7.93 5.19
N SER A 487 -1.63 -7.04 4.20
CA SER A 487 -1.96 -7.43 2.83
C SER A 487 -0.95 -8.44 2.26
N PHE A 488 0.33 -8.18 2.50
CA PHE A 488 1.36 -9.03 1.90
C PHE A 488 1.29 -10.44 2.49
N ILE A 489 0.80 -10.54 3.75
CA ILE A 489 0.68 -11.85 4.38
C ILE A 489 -0.58 -12.57 3.89
N ILE A 490 -1.71 -11.88 4.01
CA ILE A 490 -3.02 -12.49 3.80
C ILE A 490 -3.27 -12.77 2.33
N GLN A 491 -2.67 -11.98 1.42
CA GLN A 491 -2.80 -12.24 -0.02
C GLN A 491 -2.36 -13.67 -0.41
N PHE A 492 -1.28 -14.22 0.20
CA PHE A 492 -0.81 -15.58 -0.05
C PHE A 492 -1.81 -16.59 0.53
N GLN A 493 -2.38 -16.26 1.72
CA GLN A 493 -3.40 -17.10 2.30
C GLN A 493 -4.57 -17.19 1.35
N PHE A 494 -4.90 -16.06 0.71
CA PHE A 494 -6.06 -16.02 -0.17
C PHE A 494 -5.78 -16.76 -1.47
N HIS A 495 -4.54 -16.71 -1.92
CA HIS A 495 -4.16 -17.39 -3.13
C HIS A 495 -4.22 -18.90 -2.91
N GLU A 496 -3.61 -19.34 -1.81
CA GLU A 496 -3.61 -20.76 -1.45
C GLU A 496 -5.04 -21.32 -1.45
N ALA A 497 -5.95 -20.60 -0.80
CA ALA A 497 -7.35 -21.03 -0.72
C ALA A 497 -8.02 -21.04 -2.11
N LEU A 498 -7.82 -20.00 -2.92
CA LEU A 498 -8.57 -19.95 -4.17
C LEU A 498 -8.02 -21.03 -5.12
N CYS A 499 -6.70 -21.22 -5.05
CA CYS A 499 -6.00 -22.25 -5.79
C CYS A 499 -6.60 -23.62 -5.47
N GLN A 500 -6.83 -23.85 -4.17
CA GLN A 500 -7.40 -25.09 -3.71
C GLN A 500 -8.90 -25.13 -4.08
N ALA A 501 -9.60 -23.99 -4.06
CA ALA A 501 -10.97 -23.95 -4.52
C ALA A 501 -11.00 -24.29 -5.99
N ALA A 502 -9.94 -23.90 -6.72
CA ALA A 502 -9.94 -24.03 -8.17
C ALA A 502 -9.46 -25.40 -8.57
N GLY A 503 -9.04 -26.24 -7.62
CA GLY A 503 -8.65 -27.62 -7.94
C GLY A 503 -7.17 -27.80 -8.30
N HIS A 504 -6.32 -26.80 -7.98
CA HIS A 504 -4.91 -26.82 -8.40
C HIS A 504 -4.15 -27.81 -7.54
N THR A 505 -3.35 -28.63 -8.19
CA THR A 505 -2.49 -29.51 -7.43
C THR A 505 -1.05 -29.15 -7.77
N GLY A 506 -0.17 -29.60 -6.88
CA GLY A 506 1.23 -29.29 -6.98
C GLY A 506 1.55 -27.90 -6.47
N PRO A 507 2.82 -27.47 -6.62
CA PRO A 507 3.33 -26.35 -5.84
C PRO A 507 2.51 -25.05 -6.03
N LEU A 508 2.33 -24.36 -4.90
CA LEU A 508 1.44 -23.21 -4.85
C LEU A 508 1.82 -22.13 -5.86
N HIS A 509 3.13 -21.92 -6.08
CA HIS A 509 3.61 -20.84 -6.93
C HIS A 509 3.33 -21.03 -8.43
N LYS A 510 3.00 -22.25 -8.87
CA LYS A 510 2.64 -22.49 -10.28
C LYS A 510 1.16 -22.22 -10.51
N CYS A 511 0.45 -21.85 -9.45
CA CYS A 511 -1.00 -21.69 -9.55
C CYS A 511 -1.36 -20.40 -10.26
N ASP A 512 -2.35 -20.56 -11.11
CA ASP A 512 -2.96 -19.49 -11.88
C ASP A 512 -4.45 -19.73 -11.86
N ILE A 513 -5.21 -18.79 -11.31
CA ILE A 513 -6.61 -19.07 -11.07
C ILE A 513 -7.52 -18.55 -12.20
N TYR A 514 -6.98 -18.09 -13.34
CA TYR A 514 -7.80 -17.49 -14.40
C TYR A 514 -9.04 -18.35 -14.71
N GLN A 515 -10.23 -17.73 -14.67
CA GLN A 515 -11.51 -18.30 -15.10
C GLN A 515 -12.16 -19.27 -14.06
N SER A 516 -11.74 -19.25 -12.80
CA SER A 516 -12.24 -20.12 -11.76
C SER A 516 -13.44 -19.46 -11.08
N LYS A 517 -14.65 -19.94 -11.38
CA LYS A 517 -15.85 -19.35 -10.80
C LYS A 517 -15.84 -19.67 -9.31
N GLU A 518 -15.26 -20.83 -8.95
CA GLU A 518 -15.17 -21.20 -7.54
C GLU A 518 -14.33 -20.17 -6.78
N ALA A 519 -13.23 -19.70 -7.40
CA ALA A 519 -12.38 -18.76 -6.71
C ALA A 519 -13.12 -17.45 -6.57
N GLY A 520 -13.89 -17.10 -7.61
CA GLY A 520 -14.65 -15.86 -7.59
C GLY A 520 -15.63 -15.87 -6.44
N GLN A 521 -16.35 -16.97 -6.30
CA GLN A 521 -17.33 -17.10 -5.24
C GLN A 521 -16.74 -16.84 -3.85
N ARG A 522 -15.61 -17.50 -3.54
CA ARG A 522 -15.03 -17.41 -2.22
C ARG A 522 -14.80 -15.94 -1.92
N LEU A 523 -14.43 -15.18 -2.93
CA LEU A 523 -14.03 -13.82 -2.63
C LEU A 523 -15.22 -12.89 -2.49
N ALA A 524 -16.28 -13.18 -3.25
CA ALA A 524 -17.44 -12.32 -3.37
C ALA A 524 -18.17 -12.22 -2.03
N THR A 525 -18.35 -13.39 -1.40
CA THR A 525 -19.17 -13.50 -0.21
C THR A 525 -18.44 -12.81 0.95
N ALA A 526 -17.09 -12.94 1.00
CA ALA A 526 -16.30 -12.14 1.93
C ALA A 526 -16.41 -10.62 1.64
N MET A 527 -16.21 -10.21 0.38
CA MET A 527 -16.24 -8.78 0.04
C MET A 527 -17.64 -8.17 0.26
N LYS A 528 -18.71 -8.95 0.07
CA LYS A 528 -20.06 -8.42 0.30
C LYS A 528 -20.27 -7.98 1.77
N LEU A 529 -19.59 -8.63 2.72
CA LEU A 529 -19.66 -8.36 4.15
C LEU A 529 -19.26 -6.92 4.44
N GLY A 530 -18.40 -6.33 3.61
CA GLY A 530 -17.85 -5.02 3.89
C GLY A 530 -17.16 -4.96 5.24
N PHE A 531 -17.57 -3.97 6.04
CA PHE A 531 -17.14 -3.84 7.42
C PHE A 531 -18.27 -4.24 8.40
N SER A 532 -19.20 -5.10 7.96
CA SER A 532 -20.39 -5.43 8.75
C SER A 532 -20.05 -6.39 9.89
N ARG A 533 -18.95 -7.12 9.79
CA ARG A 533 -18.64 -8.16 10.75
C ARG A 533 -17.16 -8.09 11.09
N PRO A 534 -16.75 -8.60 12.26
CA PRO A 534 -15.32 -8.63 12.55
C PRO A 534 -14.56 -9.44 11.51
N TRP A 535 -13.37 -9.00 11.18
CA TRP A 535 -12.72 -9.55 10.01
C TRP A 535 -12.50 -11.08 10.05
N PRO A 536 -12.32 -11.76 11.21
CA PRO A 536 -12.02 -13.19 11.16
C PRO A 536 -13.12 -13.98 10.50
N GLU A 537 -14.23 -13.31 10.26
CA GLU A 537 -15.35 -13.98 9.63
C GLU A 537 -15.08 -14.04 8.12
N ALA A 538 -14.68 -12.90 7.58
CA ALA A 538 -14.27 -12.85 6.21
C ALA A 538 -13.08 -13.78 5.99
N MET A 539 -12.12 -13.84 6.91
CA MET A 539 -11.03 -14.76 6.69
C MET A 539 -11.52 -16.21 6.55
N GLN A 540 -12.43 -16.63 7.45
CA GLN A 540 -12.97 -17.99 7.50
C GLN A 540 -13.67 -18.24 6.16
N LEU A 541 -14.50 -17.28 5.71
CA LEU A 541 -15.20 -17.39 4.43
C LEU A 541 -14.22 -17.77 3.33
N ILE A 542 -13.12 -17.05 3.21
CA ILE A 542 -12.17 -17.23 2.13
C ILE A 542 -11.37 -18.50 2.38
N THR A 543 -10.77 -18.65 3.57
CA THR A 543 -9.71 -19.61 3.74
C THR A 543 -10.17 -20.82 4.54
N GLY A 544 -11.41 -20.80 5.07
CA GLY A 544 -11.88 -21.84 5.98
C GLY A 544 -11.23 -21.84 7.38
N GLN A 545 -10.36 -20.86 7.73
CA GLN A 545 -9.97 -20.69 9.11
C GLN A 545 -9.90 -19.20 9.37
N PRO A 546 -9.79 -18.73 10.63
CA PRO A 546 -9.94 -17.30 10.92
C PRO A 546 -8.70 -16.50 11.31
N GLN A 547 -7.53 -17.15 11.41
CA GLN A 547 -6.28 -16.48 11.74
C GLN A 547 -5.61 -15.86 10.51
N MET A 548 -4.79 -14.82 10.69
CA MET A 548 -3.71 -14.47 9.76
C MET A 548 -2.59 -15.48 9.98
N SER A 549 -1.85 -15.84 8.93
CA SER A 549 -0.88 -16.93 8.96
C SER A 549 0.14 -16.74 7.83
N ALA A 550 1.42 -16.88 8.19
CA ALA A 550 2.48 -16.81 7.20
C ALA A 550 2.68 -18.14 6.47
N SER A 551 1.97 -19.22 6.87
CA SER A 551 2.12 -20.52 6.26
C SER A 551 2.09 -20.47 4.74
N ALA A 552 1.14 -19.72 4.17
CA ALA A 552 0.89 -19.78 2.76
C ALA A 552 2.07 -19.14 2.00
N MET A 553 2.47 -17.94 2.44
CA MET A 553 3.66 -17.30 1.94
C MET A 553 4.92 -18.20 2.03
N LEU A 554 5.20 -18.85 3.17
CA LEU A 554 6.42 -19.65 3.30
C LEU A 554 6.38 -20.81 2.32
N SER A 555 5.19 -21.34 2.15
CA SER A 555 4.95 -22.47 1.28
C SER A 555 5.16 -22.07 -0.17
N TYR A 556 4.66 -20.90 -0.57
CA TYR A 556 4.86 -20.41 -1.93
C TYR A 556 6.36 -20.35 -2.23
N PHE A 557 7.15 -19.81 -1.29
CA PHE A 557 8.57 -19.60 -1.54
C PHE A 557 9.48 -20.76 -1.09
N LYS A 558 8.90 -21.85 -0.62
CA LYS A 558 9.67 -22.95 -0.06
C LYS A 558 10.76 -23.39 -1.03
N PRO A 559 10.50 -23.67 -2.32
CA PRO A 559 11.61 -24.02 -3.20
C PRO A 559 12.71 -22.95 -3.20
N LEU A 560 12.31 -21.69 -3.09
CA LEU A 560 13.30 -20.62 -3.12
C LEU A 560 14.12 -20.62 -1.83
N LEU A 561 13.51 -20.95 -0.67
CA LEU A 561 14.19 -20.99 0.62
C LEU A 561 15.26 -22.07 0.60
N ASP A 562 14.90 -23.27 0.14
CA ASP A 562 15.83 -24.37 -0.03
C ASP A 562 17.05 -23.96 -0.84
N TRP A 563 16.80 -23.31 -2.01
CA TRP A 563 17.88 -22.91 -2.91
C TRP A 563 18.79 -21.91 -2.20
N LEU A 564 18.19 -20.89 -1.55
CA LEU A 564 18.95 -19.79 -0.96
C LEU A 564 19.90 -20.35 0.09
N ARG A 565 19.39 -21.33 0.84
CA ARG A 565 20.09 -21.90 1.98
C ARG A 565 21.30 -22.70 1.52
N THR A 566 21.12 -23.53 0.49
CA THR A 566 22.23 -24.24 -0.14
C THR A 566 23.25 -23.24 -0.72
N GLU A 567 22.77 -22.19 -1.41
CA GLU A 567 23.65 -21.16 -2.00
C GLU A 567 24.43 -20.39 -0.91
N ASN A 568 23.77 -19.94 0.16
CA ASN A 568 24.41 -19.08 1.13
C ASN A 568 25.43 -19.89 1.91
N GLU A 569 25.12 -21.16 2.13
CA GLU A 569 25.93 -22.10 2.91
C GLU A 569 27.21 -22.40 2.15
N LEU A 570 27.06 -22.50 0.83
CA LEU A 570 28.15 -22.83 -0.09
C LEU A 570 29.19 -21.71 -0.11
N HIS A 571 28.74 -20.49 0.12
CA HIS A 571 29.66 -19.36 0.22
C HIS A 571 30.02 -18.99 1.67
N GLY A 572 29.53 -19.69 2.70
CA GLY A 572 29.88 -19.31 4.06
C GLY A 572 29.23 -17.98 4.46
N GLU A 573 28.02 -17.68 3.96
CA GLU A 573 27.43 -16.42 4.33
C GLU A 573 27.13 -16.48 5.82
N LYS A 574 27.34 -15.35 6.51
CA LYS A 574 26.89 -15.19 7.89
C LYS A 574 25.64 -14.32 7.86
N LEU A 575 24.50 -14.93 8.16
CA LEU A 575 23.19 -14.29 8.04
C LEU A 575 23.04 -13.12 9.00
N GLY A 576 22.27 -12.08 8.61
CA GLY A 576 22.04 -10.94 9.49
C GLY A 576 23.22 -9.97 9.64
N TRP A 577 23.20 -9.15 10.68
CA TRP A 577 24.14 -8.06 10.83
C TRP A 577 24.26 -7.68 12.29
N PRO A 578 25.35 -8.03 13.02
CA PRO A 578 25.62 -7.39 14.30
C PRO A 578 25.65 -5.86 14.26
C1 NAG B . -30.61 -5.35 12.78
C2 NAG B . -31.25 -6.68 12.46
C3 NAG B . -30.93 -7.14 11.03
C4 NAG B . -30.97 -6.02 10.01
C5 NAG B . -30.30 -4.76 10.54
C6 NAG B . -30.39 -3.56 9.66
C7 NAG B . -31.85 -8.36 14.11
C8 NAG B . -31.40 -9.53 14.93
N2 NAG B . -30.89 -7.66 13.47
O3 NAG B . -31.91 -8.08 10.62
O4 NAG B . -30.27 -6.49 8.87
O5 NAG B . -30.98 -4.43 11.76
O6 NAG B . -31.74 -3.29 9.26
O7 NAG B . -33.04 -8.05 14.01
C1 NAG B . -30.96 -6.46 7.66
C2 NAG B . -29.88 -6.40 6.58
C3 NAG B . -30.49 -6.46 5.17
C4 NAG B . -31.40 -7.66 5.01
C5 NAG B . -32.39 -7.72 6.18
C6 NAG B . -33.20 -8.99 6.21
C7 NAG B . -27.82 -5.11 6.92
C8 NAG B . -27.16 -3.88 6.34
N2 NAG B . -29.15 -5.17 6.77
O3 NAG B . -29.45 -6.56 4.22
O4 NAG B . -32.09 -7.45 3.76
O5 NAG B . -31.74 -7.63 7.47
O6 NAG B . -34.15 -8.83 7.24
O7 NAG B . -27.19 -5.99 7.48
C1 BMA B . -31.56 -7.87 2.55
C2 BMA B . -32.71 -8.52 1.79
C3 BMA B . -32.17 -8.98 0.46
C4 BMA B . -31.82 -7.70 -0.31
C5 BMA B . -30.57 -7.13 0.42
C6 BMA B . -29.91 -5.91 -0.24
O2 BMA B . -33.78 -7.57 1.69
O3 BMA B . -33.05 -9.89 -0.24
O4 BMA B . -31.61 -7.92 -1.70
O5 BMA B . -31.00 -6.79 1.80
O6 BMA B . -29.90 -4.69 0.57
C1 MAN B . -30.06 -3.43 -0.07
C2 MAN B . -31.13 -2.65 0.70
C3 MAN B . -31.95 -1.62 -0.12
C4 MAN B . -32.50 -2.27 -1.41
C5 MAN B . -31.82 -3.65 -1.72
C6 MAN B . -31.94 -4.05 -3.17
O2 MAN B . -30.53 -1.99 1.80
O3 MAN B . -31.24 -0.43 -0.53
O4 MAN B . -33.91 -2.42 -1.29
O5 MAN B . -30.41 -3.59 -1.45
O6 MAN B . -33.25 -3.85 -3.61
C1 MAN B . -30.50 0.52 0.20
C2 MAN B . -29.15 0.49 -0.55
C3 MAN B . -28.04 1.39 0.09
C4 MAN B . -28.40 1.83 1.51
C5 MAN B . -29.13 0.67 2.27
C6 MAN B . -29.51 1.03 3.70
O2 MAN B . -29.35 0.77 -1.94
O3 MAN B . -27.80 2.54 -0.73
O4 MAN B . -27.19 2.28 2.18
O5 MAN B . -30.39 0.27 1.60
O6 MAN B . -29.25 -0.05 4.62
C1 MAN B . -32.77 -11.25 -0.01
C2 MAN B . -32.19 -12.01 -1.22
C3 MAN B . -33.19 -12.59 -2.26
C4 MAN B . -34.55 -12.92 -1.65
C5 MAN B . -34.99 -11.88 -0.63
C6 MAN B . -36.31 -12.22 0.03
O2 MAN B . -31.39 -13.13 -0.82
O3 MAN B . -32.62 -13.75 -2.89
O4 MAN B . -35.52 -12.94 -2.69
O5 MAN B . -34.00 -11.80 0.43
O6 MAN B . -36.21 -13.45 0.75
C1 FUC B . -31.86 -2.33 8.26
C2 FUC B . -33.33 -2.24 7.85
C3 FUC B . -34.13 -1.48 8.91
C4 FUC B . -33.52 -0.12 9.15
C5 FUC B . -32.12 -0.32 9.73
C6 FUC B . -31.39 0.99 9.85
O2 FUC B . -33.84 -3.56 7.71
O3 FUC B . -35.51 -1.36 8.59
O4 FUC B . -33.39 0.62 7.92
O5 FUC B . -31.30 -1.15 8.87
ZN ZN C . -4.31 0.11 -2.22
CAY X93 D . -2.24 3.70 -2.38
CAQ X93 D . -3.18 4.87 -2.13
CAN X93 D . -2.55 5.95 -1.34
CAW X93 D . -3.48 7.09 -0.96
CAJ X93 D . -4.36 6.97 0.10
CAK X93 D . -3.49 8.26 -1.70
CAH X93 D . -5.23 7.98 0.41
CAI X93 D . -4.37 9.27 -1.38
CAG X93 D . -5.24 9.12 -0.34
CAT X93 D . -3.15 2.46 -2.47
OAB X93 D . -3.17 1.71 -1.45
OAE X93 D . -3.77 2.27 -3.60
N X93 D . -1.33 3.80 -3.56
CA X93 D . -0.45 2.61 -3.76
C X93 D . 0.70 2.61 -2.77
O X93 D . 1.06 3.69 -2.31
CB X93 D . 0.08 2.76 -5.15
NBC X93 D . 1.30 1.44 -2.37
CBB X93 D . 0.92 0.03 -2.61
CAP X93 D . 0.74 -0.40 -4.06
CAM X93 D . 0.53 -1.93 -4.10
CAL X93 D . 1.59 -2.81 -3.45
CAO X93 D . 1.91 -2.25 -2.07
CAZ X93 D . 2.16 -0.73 -2.17
CAR X93 D . 2.71 0.08 -1.00
CBA X93 D . 2.35 1.53 -1.33
CAU X93 D . 3.68 2.16 -1.73
OAF X93 D . 4.53 2.55 -0.85
OAC X93 D . 3.83 2.17 -2.95
C1 NAG E . -9.96 23.24 -14.77
C2 NAG E . -11.31 22.99 -15.44
C3 NAG E . -11.91 24.29 -16.00
C4 NAG E . -12.28 25.22 -14.86
C5 NAG E . -11.08 25.37 -13.92
C6 NAG E . -11.41 24.98 -12.49
C7 NAG E . -11.23 20.76 -16.60
C8 NAG E . -11.99 20.09 -15.48
N2 NAG E . -11.09 22.08 -16.56
O3 NAG E . -13.05 23.93 -16.78
O4 NAG E . -12.76 26.48 -15.34
O5 NAG E . -9.89 24.60 -14.26
O6 NAG E . -12.77 24.54 -12.29
O7 NAG E . -10.78 20.15 -17.56
C1 PEG F . -15.48 10.34 2.15
O1 PEG F . -16.16 10.82 0.97
C2 PEG F . -15.85 11.10 3.40
O2 PEG F . -15.56 10.35 4.59
C3 PEG F . -15.82 11.08 5.80
C4 PEG F . -15.19 10.43 7.01
O4 PEG F . -14.49 9.23 6.69
N1 IMD G . 24.02 14.81 4.01
C2 IMD G . 23.32 14.21 4.99
N3 IMD G . 22.24 14.93 5.20
C4 IMD G . 22.25 16.02 4.37
C5 IMD G . 23.35 15.92 3.61
CL CL H . -4.07 0.36 8.44
CL CL I . 15.10 6.53 4.05
#